data_7T34
#
_entry.id   7T34
#
_cell.length_a   118.840
_cell.length_b   118.840
_cell.length_c   127.440
_cell.angle_alpha   90.000
_cell.angle_beta   90.000
_cell.angle_gamma   90.000
#
_symmetry.space_group_name_H-M   'I 41 2 2'
#
_entity_poly.entity_id   1
_entity_poly.type   'polypeptide(L)'
_entity_poly.pdbx_seq_one_letter_code
;GPGSMTAMADSGEEAVKSVLPGNGISIMVNGCSGKMGKAVIKAADSAGVNIVPISFGSAGEDGQRVEVCGKEITVHGPTE
REKVLSSVFEKHPELIVVDYTIPSAVNDNAELYSKVGVPFVMGTTGGDRNKLYETVEEAKIYAVISPQMGKQVVAFLAAM
EIMAEQFPGAFSGYSLDVMESHQASKLDASGTAKAVISCFQELGVSYDMDQIQLIRDPKQQVEMVGVPEEHISGHAFHLY
HLTSPDETVSFEFQHNVCGRSIYAEGTVDAVLFLAKKIRLKADQRIYNMIDVLREGNMR
;
_entity_poly.pdbx_strand_id   A
#
# COMPACT_ATOMS: atom_id res chain seq x y z
N VAL A 19 -23.29 -11.70 4.45
CA VAL A 19 -22.28 -11.31 5.43
C VAL A 19 -21.10 -10.63 4.76
N LEU A 20 -21.01 -9.30 4.84
CA LEU A 20 -19.88 -8.63 4.22
C LEU A 20 -18.57 -9.00 4.94
N PRO A 21 -17.45 -8.93 4.24
CA PRO A 21 -16.16 -9.21 4.91
C PRO A 21 -15.62 -8.03 5.70
N GLY A 22 -15.94 -6.80 5.28
CA GLY A 22 -15.63 -5.68 6.17
C GLY A 22 -16.47 -5.64 7.43
N ASN A 23 -17.50 -6.47 7.51
CA ASN A 23 -18.36 -6.59 8.68
C ASN A 23 -17.53 -6.75 9.95
N GLY A 24 -17.71 -5.81 10.89
CA GLY A 24 -17.05 -5.83 12.17
C GLY A 24 -15.78 -5.01 12.27
N ILE A 25 -15.43 -4.25 11.24
CA ILE A 25 -14.16 -3.52 11.17
C ILE A 25 -14.48 -2.05 10.97
N SER A 26 -13.73 -1.20 11.64
CA SER A 26 -13.93 0.24 11.51
C SER A 26 -12.61 0.87 11.13
N ILE A 27 -12.67 1.85 10.25
CA ILE A 27 -11.46 2.58 9.90
C ILE A 27 -11.69 4.06 10.12
N MET A 28 -10.60 4.76 10.41
CA MET A 28 -10.55 6.21 10.35
C MET A 28 -9.61 6.59 9.21
N VAL A 29 -10.08 7.46 8.33
CA VAL A 29 -9.42 7.74 7.06
C VAL A 29 -8.76 9.11 7.09
N ASN A 30 -7.54 9.19 7.65
CA ASN A 30 -6.83 10.47 7.72
C ASN A 30 -6.34 10.88 6.34
N GLY A 31 -7.12 11.69 5.65
CA GLY A 31 -6.94 11.98 4.24
C GLY A 31 -8.30 12.04 3.57
N CYS A 32 -9.31 12.39 4.37
CA CYS A 32 -10.71 12.36 3.92
C CYS A 32 -10.94 13.23 2.70
N SER A 33 -10.13 14.28 2.50
CA SER A 33 -10.40 15.19 1.40
C SER A 33 -9.65 14.84 0.12
N GLY A 34 -8.51 14.15 0.21
CA GLY A 34 -7.79 13.77 -0.99
C GLY A 34 -8.56 12.81 -1.87
N LYS A 35 -8.33 12.93 -3.18
CA LYS A 35 -9.03 12.08 -4.16
C LYS A 35 -8.78 10.62 -3.86
N MET A 36 -7.59 10.32 -3.35
CA MET A 36 -7.30 8.98 -2.86
C MET A 36 -8.20 8.61 -1.69
N GLY A 37 -8.19 9.45 -0.64
CA GLY A 37 -9.03 9.19 0.51
C GLY A 37 -10.46 8.86 0.15
N LYS A 38 -11.05 9.66 -0.75
CA LYS A 38 -12.40 9.38 -1.24
C LYS A 38 -12.51 7.96 -1.81
N ALA A 39 -11.61 7.59 -2.73
CA ALA A 39 -11.67 6.27 -3.34
C ALA A 39 -11.62 5.15 -2.30
N VAL A 40 -10.78 5.34 -1.29
CA VAL A 40 -10.71 4.41 -0.16
C VAL A 40 -12.06 4.31 0.54
N ILE A 41 -12.66 5.46 0.84
CA ILE A 41 -13.98 5.48 1.45
C ILE A 41 -14.98 4.70 0.62
N LYS A 42 -15.05 5.01 -0.67
CA LYS A 42 -15.93 4.27 -1.59
C LYS A 42 -15.70 2.77 -1.47
N ALA A 43 -14.42 2.35 -1.52
CA ALA A 43 -14.12 0.92 -1.55
C ALA A 43 -14.44 0.25 -0.22
N ALA A 44 -14.04 0.88 0.89
CA ALA A 44 -14.35 0.38 2.22
C ALA A 44 -15.85 0.26 2.44
N ASP A 45 -16.61 1.24 1.95
CA ASP A 45 -18.07 1.16 2.04
C ASP A 45 -18.60 -0.07 1.31
N SER A 46 -18.08 -0.37 0.12
CA SER A 46 -18.49 -1.58 -0.58
C SER A 46 -18.17 -2.82 0.24
N ALA A 47 -17.00 -2.84 0.86
CA ALA A 47 -16.57 -4.03 1.59
C ALA A 47 -17.35 -4.26 2.87
N GLY A 48 -18.18 -3.29 3.29
CA GLY A 48 -18.86 -3.38 4.56
C GLY A 48 -18.06 -2.87 5.74
N VAL A 49 -16.99 -2.13 5.49
CA VAL A 49 -16.18 -1.57 6.56
C VAL A 49 -16.84 -0.30 7.06
N ASN A 50 -17.05 -0.22 8.37
CA ASN A 50 -17.65 0.99 8.90
C ASN A 50 -16.59 2.09 9.04
N ILE A 51 -17.02 3.34 8.80
CA ILE A 51 -16.10 4.47 8.75
C ILE A 51 -16.50 5.50 9.79
N VAL A 52 -15.61 5.74 10.74
CA VAL A 52 -15.92 6.68 11.82
C VAL A 52 -15.88 8.10 11.28
N PRO A 53 -16.74 9.00 11.75
CA PRO A 53 -16.86 10.34 11.17
C PRO A 53 -15.98 11.39 11.83
N ILE A 54 -14.71 11.04 12.06
CA ILE A 54 -13.72 12.01 12.50
C ILE A 54 -12.48 11.82 11.64
N SER A 55 -11.65 12.86 11.56
CA SER A 55 -10.50 12.86 10.66
C SER A 55 -9.48 13.89 11.16
N PHE A 56 -8.38 14.05 10.42
CA PHE A 56 -7.31 14.93 10.90
C PHE A 56 -6.57 15.66 9.78
N GLY A 57 -6.32 16.96 10.02
CA GLY A 57 -5.46 17.81 9.21
C GLY A 57 -5.48 17.58 7.71
N GLU A 72 -21.60 11.86 7.46
CA GLU A 72 -20.40 12.45 6.86
C GLU A 72 -19.39 12.87 7.95
N ILE A 73 -18.15 13.13 7.53
CA ILE A 73 -17.00 13.26 8.43
C ILE A 73 -16.86 14.67 8.96
N THR A 74 -16.47 14.77 10.23
CA THR A 74 -16.09 16.02 10.89
C THR A 74 -14.58 16.05 11.03
N VAL A 75 -13.93 16.93 10.26
CA VAL A 75 -12.47 17.03 10.30
C VAL A 75 -12.06 17.83 11.53
N HIS A 76 -10.88 17.51 12.06
CA HIS A 76 -10.42 18.04 13.34
C HIS A 76 -9.11 18.80 13.20
N GLY A 77 -8.97 19.84 14.03
CA GLY A 77 -7.76 20.63 14.08
C GLY A 77 -6.57 19.79 14.50
N PRO A 78 -5.36 20.26 14.15
CA PRO A 78 -4.14 19.50 14.44
C PRO A 78 -3.64 19.60 15.88
N THR A 79 -4.43 20.12 16.81
CA THR A 79 -4.11 20.05 18.23
C THR A 79 -5.09 19.10 18.92
N GLU A 80 -4.77 18.79 20.18
CA GLU A 80 -5.54 17.83 20.95
C GLU A 80 -5.56 16.47 20.25
N ARG A 81 -4.47 16.13 19.58
CA ARG A 81 -4.48 14.95 18.72
C ARG A 81 -4.69 13.68 19.54
N GLU A 82 -3.84 13.47 20.55
CA GLU A 82 -3.89 12.22 21.33
C GLU A 82 -5.28 11.99 21.93
N LYS A 83 -5.89 13.04 22.47
CA LYS A 83 -7.11 12.84 23.26
C LYS A 83 -8.29 12.48 22.36
N VAL A 84 -8.46 13.22 21.27
CA VAL A 84 -9.50 12.86 20.31
C VAL A 84 -9.33 11.42 19.89
N LEU A 85 -8.09 11.05 19.53
CA LEU A 85 -7.84 9.72 18.97
C LEU A 85 -7.87 8.64 20.05
N SER A 86 -7.33 8.92 21.24
CA SER A 86 -7.40 7.94 22.32
C SER A 86 -8.84 7.59 22.66
N SER A 87 -9.73 8.58 22.65
CA SER A 87 -11.12 8.34 23.01
C SER A 87 -11.90 7.69 21.88
N VAL A 88 -11.50 7.87 20.62
CA VAL A 88 -12.07 7.04 19.57
C VAL A 88 -11.60 5.59 19.70
N PHE A 89 -10.29 5.39 19.85
CA PHE A 89 -9.75 4.04 19.98
C PHE A 89 -10.28 3.34 21.23
N GLU A 90 -10.64 4.11 22.27
CA GLU A 90 -11.30 3.54 23.43
C GLU A 90 -12.74 3.14 23.09
N LYS A 91 -13.46 4.03 22.40
CA LYS A 91 -14.84 3.74 22.01
C LYS A 91 -14.93 2.69 20.92
N HIS A 92 -13.92 2.62 20.05
CA HIS A 92 -13.89 1.68 18.93
C HIS A 92 -12.59 0.89 19.00
N PRO A 93 -12.57 -0.19 19.77
CA PRO A 93 -11.34 -0.99 19.88
C PRO A 93 -10.98 -1.75 18.61
N GLU A 94 -11.97 -2.00 17.74
CA GLU A 94 -11.78 -2.64 16.44
C GLU A 94 -11.35 -1.64 15.37
N LEU A 95 -10.92 -0.45 15.79
CA LEU A 95 -10.57 0.59 14.84
C LEU A 95 -9.22 0.30 14.23
N ILE A 96 -9.09 0.59 12.93
CA ILE A 96 -7.83 0.60 12.21
C ILE A 96 -7.74 1.91 11.44
N VAL A 97 -6.67 2.65 11.64
CA VAL A 97 -6.52 3.92 10.95
C VAL A 97 -5.94 3.67 9.57
N VAL A 98 -6.39 4.44 8.59
CA VAL A 98 -5.80 4.46 7.25
C VAL A 98 -5.22 5.84 7.00
N ASP A 99 -3.95 5.89 6.61
CA ASP A 99 -3.19 7.12 6.51
C ASP A 99 -2.67 7.28 5.08
N TYR A 100 -3.11 8.35 4.40
CA TYR A 100 -2.76 8.69 3.03
C TYR A 100 -2.60 10.21 3.04
N THR A 101 -1.37 10.66 3.27
CA THR A 101 -1.18 12.04 3.71
C THR A 101 0.04 12.69 3.06
N ILE A 102 0.88 13.34 3.86
CA ILE A 102 1.97 14.19 3.39
C ILE A 102 3.29 13.58 3.87
N PRO A 103 4.35 13.61 3.05
CA PRO A 103 5.63 13.06 3.51
C PRO A 103 6.17 13.67 4.79
N SER A 104 5.98 14.98 4.99
CA SER A 104 6.40 15.61 6.24
C SER A 104 5.60 15.12 7.44
N ALA A 105 4.38 14.63 7.22
CA ALA A 105 3.52 14.18 8.31
C ALA A 105 3.72 12.71 8.69
N VAL A 106 4.40 11.93 7.85
CA VAL A 106 4.56 10.50 8.09
C VAL A 106 5.16 10.26 9.48
N ASN A 107 6.40 10.72 9.69
CA ASN A 107 7.07 10.44 10.94
C ASN A 107 6.29 11.01 12.12
N ASP A 108 5.59 12.13 11.93
CA ASP A 108 4.75 12.65 12.99
C ASP A 108 3.49 11.81 13.17
N ASN A 109 2.74 11.58 12.09
CA ASN A 109 1.50 10.81 12.22
C ASN A 109 1.73 9.40 12.76
N ALA A 110 2.92 8.81 12.52
CA ALA A 110 3.21 7.48 13.06
C ALA A 110 3.54 7.52 14.55
N GLU A 111 4.25 8.56 15.00
CA GLU A 111 4.52 8.70 16.42
C GLU A 111 3.22 8.84 17.22
N LEU A 112 2.16 9.37 16.57
CA LEU A 112 0.87 9.48 17.25
C LEU A 112 0.20 8.12 17.40
N TYR A 113 0.13 7.35 16.31
CA TYR A 113 -0.57 6.07 16.37
C TYR A 113 0.06 5.15 17.41
N SER A 114 1.39 5.18 17.53
CA SER A 114 2.09 4.27 18.42
C SER A 114 1.84 4.62 19.88
N LYS A 115 1.71 5.91 20.20
CA LYS A 115 1.44 6.28 21.59
C LYS A 115 0.01 5.95 21.99
N VAL A 116 -0.92 6.00 21.03
CA VAL A 116 -2.28 5.60 21.32
C VAL A 116 -2.41 4.09 21.28
N GLY A 117 -1.56 3.42 20.50
CA GLY A 117 -1.60 1.97 20.39
C GLY A 117 -2.61 1.41 19.42
N VAL A 118 -2.92 2.13 18.35
CA VAL A 118 -3.97 1.77 17.41
C VAL A 118 -3.33 1.28 16.13
N PRO A 119 -3.76 0.17 15.55
CA PRO A 119 -3.17 -0.31 14.31
C PRO A 119 -3.50 0.64 13.16
N PHE A 120 -2.61 0.67 12.17
CA PHE A 120 -2.84 1.52 11.01
C PHE A 120 -2.30 0.84 9.76
N VAL A 121 -2.83 1.30 8.64
CA VAL A 121 -2.39 0.94 7.30
C VAL A 121 -1.99 2.24 6.61
N MET A 122 -0.71 2.37 6.23
CA MET A 122 -0.14 3.61 5.70
C MET A 122 0.45 3.39 4.31
N GLY A 123 -0.13 4.05 3.31
CA GLY A 123 0.44 4.05 1.98
C GLY A 123 1.10 5.35 1.59
N THR A 124 1.26 6.30 2.50
CA THR A 124 1.88 7.56 2.18
C THR A 124 3.35 7.35 1.87
N THR A 125 3.87 8.16 0.95
CA THR A 125 5.26 8.13 0.56
C THR A 125 6.03 9.24 1.28
N GLY A 126 7.31 8.99 1.55
CA GLY A 126 8.18 10.01 2.11
C GLY A 126 8.39 9.89 3.60
N GLY A 127 9.25 10.78 4.13
CA GLY A 127 9.65 10.76 5.52
C GLY A 127 10.93 9.99 5.76
N ASP A 128 11.48 10.13 6.97
CA ASP A 128 12.60 9.29 7.39
C ASP A 128 12.06 7.87 7.53
N ARG A 129 12.30 7.05 6.51
CA ARG A 129 11.70 5.73 6.55
C ARG A 129 12.31 4.89 7.66
N ASN A 130 13.61 5.04 7.89
CA ASN A 130 14.22 4.31 8.99
C ASN A 130 13.65 4.75 10.33
N LYS A 131 13.50 6.06 10.56
CA LYS A 131 12.90 6.53 11.80
C LYS A 131 11.45 6.08 11.94
N LEU A 132 10.72 5.94 10.82
CA LEU A 132 9.32 5.56 10.87
C LEU A 132 9.13 4.11 11.32
N TYR A 133 9.95 3.20 10.82
CA TYR A 133 9.89 1.82 11.29
C TYR A 133 10.41 1.70 12.73
N GLU A 134 11.48 2.43 13.06
CA GLU A 134 11.96 2.48 14.43
C GLU A 134 10.83 2.80 15.39
N THR A 135 10.07 3.86 15.06
CA THR A 135 8.97 4.29 15.90
C THR A 135 7.99 3.16 16.17
N VAL A 136 7.62 2.43 15.12
CA VAL A 136 6.57 1.43 15.24
C VAL A 136 7.07 0.15 15.92
N GLU A 137 8.34 -0.23 15.71
CA GLU A 137 8.79 -1.47 16.31
C GLU A 137 9.02 -1.35 17.81
N GLU A 138 9.36 -0.14 18.29
CA GLU A 138 9.45 0.10 19.73
C GLU A 138 8.08 0.05 20.37
N ALA A 139 7.05 0.46 19.64
CA ALA A 139 5.70 0.44 20.16
C ALA A 139 5.08 -0.95 20.14
N LYS A 140 5.73 -1.92 19.48
CA LYS A 140 5.18 -3.25 19.24
C LYS A 140 3.74 -3.20 18.73
N ILE A 141 3.42 -2.15 17.93
CA ILE A 141 2.05 -1.96 17.42
C ILE A 141 1.95 -2.60 16.04
N TYR A 142 0.70 -2.93 15.65
CA TYR A 142 0.38 -3.64 14.41
C TYR A 142 0.16 -2.68 13.25
N ALA A 143 0.78 -2.96 12.10
CA ALA A 143 0.68 -2.03 10.97
C ALA A 143 0.96 -2.73 9.65
N VAL A 144 0.40 -2.16 8.58
CA VAL A 144 0.80 -2.46 7.22
C VAL A 144 1.37 -1.18 6.62
N ILE A 145 2.62 -1.24 6.14
CA ILE A 145 3.28 -0.09 5.51
C ILE A 145 3.77 -0.48 4.13
N SER A 146 3.11 0.07 3.09
CA SER A 146 3.54 -0.11 1.70
C SER A 146 3.23 1.14 0.91
N PRO A 147 4.24 1.84 0.42
CA PRO A 147 4.00 3.02 -0.43
C PRO A 147 3.24 2.70 -1.72
N GLN A 148 3.10 1.43 -2.07
CA GLN A 148 2.36 1.00 -3.25
C GLN A 148 1.28 0.02 -2.80
N MET A 149 0.02 0.35 -3.08
CA MET A 149 -1.11 -0.42 -2.60
C MET A 149 -1.95 -1.02 -3.71
N GLY A 150 -1.55 -0.85 -4.96
CA GLY A 150 -2.16 -1.60 -6.04
C GLY A 150 -1.62 -3.01 -6.00
N LYS A 151 -2.37 -3.92 -5.37
CA LYS A 151 -1.76 -5.20 -5.04
C LYS A 151 -1.50 -6.02 -6.30
N GLN A 152 -2.28 -5.80 -7.36
CA GLN A 152 -2.01 -6.52 -8.61
C GLN A 152 -0.68 -6.09 -9.23
N VAL A 153 -0.33 -4.81 -9.13
CA VAL A 153 0.96 -4.38 -9.64
C VAL A 153 2.08 -5.03 -8.85
N VAL A 154 1.91 -5.13 -7.52
CA VAL A 154 2.93 -5.74 -6.67
C VAL A 154 3.16 -7.19 -7.08
N ALA A 155 2.08 -7.93 -7.32
CA ALA A 155 2.22 -9.33 -7.70
C ALA A 155 3.07 -9.47 -8.96
N PHE A 156 2.74 -8.75 -10.04
CA PHE A 156 3.56 -8.80 -11.25
C PHE A 156 5.02 -8.48 -10.93
N LEU A 157 5.22 -7.47 -10.11
CA LEU A 157 6.57 -7.15 -9.65
C LEU A 157 7.22 -8.36 -9.00
N ALA A 158 6.50 -9.02 -8.10
CA ALA A 158 7.12 -10.11 -7.34
C ALA A 158 7.43 -11.30 -8.24
N ALA A 159 6.51 -11.64 -9.15
CA ALA A 159 6.82 -12.65 -10.15
C ALA A 159 8.11 -12.29 -10.89
N MET A 160 8.19 -11.08 -11.43
CA MET A 160 9.39 -10.74 -12.19
C MET A 160 10.63 -10.64 -11.30
N GLU A 161 10.46 -10.58 -9.98
CA GLU A 161 11.62 -10.64 -9.10
C GLU A 161 12.00 -12.09 -8.78
N ILE A 162 11.00 -12.95 -8.57
CA ILE A 162 11.27 -14.38 -8.46
C ILE A 162 11.93 -14.89 -9.72
N MET A 163 11.38 -14.55 -10.87
CA MET A 163 11.99 -14.97 -12.12
C MET A 163 13.45 -14.51 -12.19
N ALA A 164 13.74 -13.28 -11.79
CA ALA A 164 15.11 -12.80 -11.92
C ALA A 164 16.06 -13.53 -11.00
N GLU A 165 15.60 -13.94 -9.83
CA GLU A 165 16.46 -14.61 -8.87
C GLU A 165 16.59 -16.11 -9.14
N GLN A 166 15.52 -16.75 -9.60
CA GLN A 166 15.52 -18.17 -9.88
C GLN A 166 16.25 -18.49 -11.17
N PHE A 167 16.08 -17.67 -12.20
CA PHE A 167 16.58 -17.95 -13.55
C PHE A 167 17.54 -16.84 -13.97
N PRO A 168 18.67 -16.71 -13.29
CA PRO A 168 19.63 -15.69 -13.71
C PRO A 168 19.98 -15.86 -15.17
N GLY A 169 20.07 -14.73 -15.88
CA GLY A 169 20.59 -14.71 -17.23
C GLY A 169 19.62 -15.15 -18.30
N ALA A 170 18.39 -15.51 -17.94
CA ALA A 170 17.50 -16.16 -18.90
C ALA A 170 17.27 -15.30 -20.14
N PHE A 171 17.36 -13.98 -20.00
CA PHE A 171 17.14 -13.06 -21.11
C PHE A 171 18.43 -12.36 -21.52
N SER A 172 19.57 -12.98 -21.20
CA SER A 172 20.86 -12.49 -21.67
C SER A 172 20.80 -12.14 -23.15
N GLY A 173 21.22 -10.91 -23.47
CA GLY A 173 21.28 -10.45 -24.85
C GLY A 173 20.03 -9.80 -25.39
N TYR A 174 18.89 -9.92 -24.71
CA TYR A 174 17.70 -9.19 -25.11
C TYR A 174 17.82 -7.70 -24.78
N SER A 175 17.23 -6.88 -25.63
CA SER A 175 17.16 -5.44 -25.40
C SER A 175 15.79 -5.07 -24.86
N LEU A 176 15.75 -4.01 -24.05
CA LEU A 176 14.53 -3.52 -23.45
C LEU A 176 14.25 -2.09 -23.90
N ASP A 177 13.02 -1.85 -24.36
CA ASP A 177 12.53 -0.51 -24.67
C ASP A 177 11.32 -0.20 -23.80
N VAL A 178 11.24 1.05 -23.34
CA VAL A 178 10.24 1.45 -22.36
C VAL A 178 9.53 2.73 -22.81
N MET A 179 8.21 2.76 -22.65
CA MET A 179 7.41 3.97 -22.73
C MET A 179 6.56 4.12 -21.47
N GLU A 180 6.45 5.36 -20.99
CA GLU A 180 5.89 5.69 -19.67
C GLU A 180 5.21 7.05 -19.82
N SER A 181 4.91 7.73 -18.70
CA SER A 181 4.23 9.03 -18.82
C SER A 181 4.74 10.10 -17.83
N HIS A 182 3.85 10.58 -16.95
CA HIS A 182 4.14 11.68 -16.00
C HIS A 182 5.47 11.51 -15.26
N THR A 192 8.66 2.89 -9.66
CA THR A 192 7.87 1.70 -9.96
C THR A 192 8.58 0.86 -11.01
N ALA A 193 8.73 1.39 -12.23
CA ALA A 193 9.47 0.75 -13.31
C ALA A 193 10.97 0.72 -13.05
N LYS A 194 11.41 1.19 -11.89
CA LYS A 194 12.82 1.20 -11.56
C LYS A 194 13.29 -0.19 -11.13
N ALA A 195 12.43 -0.91 -10.41
CA ALA A 195 12.70 -2.32 -10.10
C ALA A 195 12.63 -3.18 -11.35
N VAL A 196 11.64 -2.90 -12.19
CA VAL A 196 11.42 -3.71 -13.39
C VAL A 196 12.67 -3.75 -14.24
N ILE A 197 13.32 -2.61 -14.40
CA ILE A 197 14.58 -2.56 -15.14
C ILE A 197 15.70 -3.21 -14.34
N SER A 198 15.65 -3.06 -13.01
CA SER A 198 16.60 -3.78 -12.17
C SER A 198 16.50 -5.29 -12.38
N CYS A 199 15.27 -5.83 -12.45
CA CYS A 199 15.11 -7.25 -12.75
C CYS A 199 15.68 -7.61 -14.11
N PHE A 200 15.22 -6.92 -15.16
CA PHE A 200 15.65 -7.31 -16.49
C PHE A 200 17.15 -7.20 -16.66
N GLN A 201 17.81 -6.33 -15.89
CA GLN A 201 19.27 -6.36 -15.87
C GLN A 201 19.76 -7.63 -15.17
N GLU A 202 19.17 -7.96 -14.00
CA GLU A 202 19.45 -9.24 -13.35
C GLU A 202 19.13 -10.42 -14.25
N LEU A 203 18.26 -10.25 -15.24
CA LEU A 203 17.95 -11.28 -16.22
C LEU A 203 18.82 -11.19 -17.47
N GLY A 204 19.77 -10.25 -17.53
CA GLY A 204 20.67 -10.13 -18.65
C GLY A 204 20.28 -9.16 -19.77
N VAL A 205 19.53 -8.09 -19.47
CA VAL A 205 19.04 -7.17 -20.49
C VAL A 205 19.82 -5.86 -20.42
N SER A 206 20.01 -5.22 -21.59
CA SER A 206 20.64 -3.91 -21.74
C SER A 206 19.61 -2.79 -21.84
N TYR A 207 19.98 -1.60 -21.33
CA TYR A 207 19.03 -0.50 -21.31
C TYR A 207 19.76 0.84 -21.10
N ASP A 208 19.24 1.89 -21.75
CA ASP A 208 19.73 3.26 -21.58
C ASP A 208 19.08 4.02 -20.42
N ILE A 232 0.58 10.02 -6.84
CA ILE A 232 -0.59 9.30 -7.34
C ILE A 232 -1.53 10.28 -8.05
N SER A 233 -1.64 10.17 -9.37
CA SER A 233 -2.49 11.04 -10.16
C SER A 233 -3.52 10.19 -10.94
N GLY A 234 -4.25 10.84 -11.83
CA GLY A 234 -5.32 10.19 -12.58
C GLY A 234 -4.93 8.99 -13.41
N HIS A 235 -4.38 9.21 -14.61
CA HIS A 235 -3.94 8.10 -15.45
C HIS A 235 -2.52 7.67 -15.04
N ALA A 236 -2.19 6.45 -15.42
CA ALA A 236 -0.83 5.97 -15.48
C ALA A 236 -0.75 5.00 -16.65
N PHE A 237 0.42 4.94 -17.28
CA PHE A 237 0.63 4.06 -18.42
C PHE A 237 2.07 3.61 -18.51
N HIS A 238 2.28 2.30 -18.65
CA HIS A 238 3.60 1.69 -18.77
C HIS A 238 3.57 0.65 -19.88
N LEU A 239 4.57 0.70 -20.78
CA LEU A 239 4.75 -0.33 -21.81
C LEU A 239 6.20 -0.78 -21.83
N TYR A 240 6.43 -2.09 -21.77
CA TYR A 240 7.78 -2.64 -21.77
C TYR A 240 7.89 -3.64 -22.90
N HIS A 241 8.93 -3.52 -23.70
CA HIS A 241 9.06 -4.30 -24.91
C HIS A 241 10.41 -5.02 -24.90
N LEU A 242 10.38 -6.35 -24.84
CA LEU A 242 11.59 -7.18 -24.87
C LEU A 242 11.83 -7.71 -26.28
N THR A 243 13.02 -7.50 -26.80
CA THR A 243 13.34 -7.98 -28.13
C THR A 243 14.54 -8.90 -28.04
N SER A 244 14.48 -10.02 -28.77
CA SER A 244 15.58 -10.96 -28.82
C SER A 244 16.75 -10.44 -29.67
N PRO A 245 17.94 -11.01 -29.48
CA PRO A 245 19.11 -10.59 -30.29
C PRO A 245 18.88 -10.58 -31.79
N ASP A 246 18.43 -11.69 -32.37
CA ASP A 246 18.17 -11.67 -33.81
C ASP A 246 16.87 -10.95 -34.14
N GLU A 247 16.21 -10.36 -33.15
CA GLU A 247 15.00 -9.55 -33.28
C GLU A 247 13.81 -10.35 -33.84
N THR A 248 13.85 -11.68 -33.76
CA THR A 248 12.76 -12.51 -34.21
C THR A 248 11.78 -12.90 -33.11
N VAL A 249 12.04 -12.50 -31.87
CA VAL A 249 11.15 -12.77 -30.73
C VAL A 249 10.88 -11.45 -30.02
N SER A 250 9.61 -11.17 -29.75
CA SER A 250 9.26 -10.00 -28.95
C SER A 250 8.27 -10.39 -27.85
N PHE A 251 8.53 -9.94 -26.64
CA PHE A 251 7.53 -9.91 -25.58
C PHE A 251 7.19 -8.47 -25.29
N GLU A 252 5.93 -8.24 -24.91
CA GLU A 252 5.45 -6.89 -24.65
C GLU A 252 4.51 -6.96 -23.47
N PHE A 253 4.80 -6.18 -22.45
CA PHE A 253 3.89 -6.00 -21.33
C PHE A 253 3.41 -4.56 -21.32
N GLN A 254 2.14 -4.38 -20.96
CA GLN A 254 1.48 -3.09 -21.05
C GLN A 254 0.52 -2.97 -19.88
N HIS A 255 0.39 -1.75 -19.36
CA HIS A 255 -0.27 -1.54 -18.07
C HIS A 255 -0.96 -0.19 -18.03
N ASN A 256 -2.30 -0.18 -17.91
CA ASN A 256 -3.09 1.05 -17.87
C ASN A 256 -3.94 1.11 -16.62
N VAL A 257 -3.86 2.24 -15.91
CA VAL A 257 -4.71 2.51 -14.76
C VAL A 257 -5.42 3.85 -14.96
N CYS A 258 -6.72 3.86 -14.76
CA CYS A 258 -7.54 5.06 -14.83
C CYS A 258 -8.32 5.19 -13.53
N GLY A 259 -7.89 6.10 -12.67
CA GLY A 259 -8.49 6.21 -11.35
C GLY A 259 -7.51 5.80 -10.27
N ARG A 260 -8.03 5.73 -9.04
CA ARG A 260 -7.29 5.26 -7.88
C ARG A 260 -8.00 4.08 -7.22
N SER A 261 -9.07 3.60 -7.86
CA SER A 261 -9.81 2.46 -7.33
C SER A 261 -8.92 1.26 -7.03
N ILE A 262 -7.91 1.01 -7.87
CA ILE A 262 -7.07 -0.15 -7.64
C ILE A 262 -6.31 0.00 -6.34
N TYR A 263 -5.98 1.24 -5.96
CA TYR A 263 -5.25 1.47 -4.71
C TYR A 263 -6.18 1.39 -3.53
N ALA A 264 -7.38 1.95 -3.67
CA ALA A 264 -8.38 1.79 -2.65
C ALA A 264 -8.55 0.33 -2.30
N GLU A 265 -8.89 -0.49 -3.32
CA GLU A 265 -9.24 -1.88 -3.06
C GLU A 265 -8.09 -2.62 -2.41
N GLY A 266 -6.86 -2.22 -2.70
CA GLY A 266 -5.72 -2.83 -2.04
C GLY A 266 -5.53 -2.35 -0.62
N THR A 267 -5.83 -1.07 -0.35
CA THR A 267 -5.83 -0.57 1.02
C THR A 267 -6.85 -1.31 1.87
N VAL A 268 -8.08 -1.37 1.39
CA VAL A 268 -9.09 -2.17 2.06
C VAL A 268 -8.58 -3.59 2.28
N ASP A 269 -7.87 -4.14 1.28
CA ASP A 269 -7.38 -5.51 1.40
C ASP A 269 -6.37 -5.65 2.54
N ALA A 270 -5.45 -4.69 2.66
CA ALA A 270 -4.53 -4.70 3.78
C ALA A 270 -5.29 -4.58 5.10
N VAL A 271 -6.32 -3.75 5.12
CA VAL A 271 -7.13 -3.59 6.31
C VAL A 271 -7.71 -4.95 6.75
N LEU A 272 -8.52 -5.56 5.89
CA LEU A 272 -9.03 -6.88 6.20
C LEU A 272 -7.92 -7.85 6.59
N PHE A 273 -6.78 -7.77 5.88
CA PHE A 273 -5.66 -8.63 6.21
C PHE A 273 -5.21 -8.41 7.63
N LEU A 274 -5.17 -7.14 8.03
CA LEU A 274 -4.53 -6.76 9.28
C LEU A 274 -5.46 -7.00 10.46
N ALA A 275 -6.78 -6.85 10.26
CA ALA A 275 -7.75 -7.25 11.27
C ALA A 275 -7.53 -8.71 11.67
N LYS A 276 -7.29 -9.58 10.68
CA LYS A 276 -7.10 -10.99 10.96
C LYS A 276 -5.85 -11.23 11.79
N LYS A 277 -4.74 -10.55 11.44
CA LYS A 277 -3.51 -10.79 12.19
C LYS A 277 -3.64 -10.29 13.63
N ILE A 278 -4.33 -9.16 13.82
CA ILE A 278 -4.66 -8.70 15.17
C ILE A 278 -5.47 -9.76 15.91
N ARG A 279 -6.61 -10.14 15.33
CA ARG A 279 -7.51 -11.10 15.99
C ARG A 279 -6.76 -12.36 16.42
N LEU A 280 -6.01 -12.96 15.50
CA LEU A 280 -5.17 -14.11 15.76
C LEU A 280 -4.00 -13.80 16.69
N LYS A 281 -3.88 -12.55 17.14
CA LYS A 281 -2.80 -12.14 18.05
C LYS A 281 -1.46 -12.64 17.53
N ALA A 282 -1.17 -12.29 16.28
CA ALA A 282 0.04 -12.76 15.58
C ALA A 282 1.28 -12.10 16.15
N ASP A 283 2.41 -12.79 16.01
CA ASP A 283 3.62 -12.30 16.65
C ASP A 283 4.32 -11.23 15.82
N GLN A 284 4.32 -11.35 14.50
CA GLN A 284 4.86 -10.29 13.65
C GLN A 284 3.89 -9.13 13.63
N ARG A 285 4.39 -7.91 13.90
CA ARG A 285 3.50 -6.76 13.98
C ARG A 285 3.47 -5.89 12.72
N ILE A 286 4.50 -5.93 11.88
CA ILE A 286 4.62 -5.01 10.75
C ILE A 286 4.67 -5.83 9.46
N TYR A 287 3.78 -5.48 8.52
CA TYR A 287 3.56 -6.24 7.30
C TYR A 287 3.65 -5.32 6.08
N ASN A 288 3.89 -5.92 4.91
CA ASN A 288 3.88 -5.22 3.62
C ASN A 288 2.84 -5.84 2.68
N MET A 289 2.76 -5.31 1.46
CA MET A 289 1.75 -5.81 0.56
C MET A 289 2.03 -7.25 0.12
N ILE A 290 3.28 -7.69 0.17
CA ILE A 290 3.54 -9.08 -0.20
C ILE A 290 2.91 -9.99 0.84
N ASP A 291 3.11 -9.66 2.12
CA ASP A 291 2.43 -10.39 3.19
C ASP A 291 0.92 -10.48 2.92
N VAL A 292 0.28 -9.35 2.57
CA VAL A 292 -1.15 -9.34 2.26
C VAL A 292 -1.48 -10.33 1.15
N LEU A 293 -0.70 -10.30 0.06
CA LEU A 293 -0.94 -11.18 -1.09
C LEU A 293 -0.80 -12.66 -0.74
N ARG A 294 0.15 -13.02 0.12
CA ARG A 294 0.34 -14.42 0.48
C ARG A 294 -0.81 -14.98 1.29
N GLU A 295 -1.55 -14.12 2.03
CA GLU A 295 -2.67 -14.64 2.79
C GLU A 295 -3.75 -15.19 1.88
N GLY A 296 -3.84 -14.67 0.68
CA GLY A 296 -4.95 -15.02 -0.18
C GLY A 296 -6.02 -13.97 -0.16
N ASN A 297 -6.94 -14.12 -1.10
CA ASN A 297 -8.09 -13.26 -1.19
C ASN A 297 -8.94 -13.41 0.06
N MET A 298 -9.21 -12.30 0.75
CA MET A 298 -10.06 -12.30 1.92
C MET A 298 -11.46 -11.77 1.63
N ARG A 299 -11.83 -11.67 0.37
CA ARG A 299 -13.04 -10.96 -0.02
C ARG A 299 -14.21 -11.92 -0.18
#